data_9S24
#
_entry.id   9S24
#
_cell.length_a   88.924
_cell.length_b   88.924
_cell.length_c   133.278
_cell.angle_alpha   90.00
_cell.angle_beta   90.00
_cell.angle_gamma   90.00
#
_symmetry.space_group_name_H-M   'P 43 21 2'
#
loop_
_entity.id
_entity.type
_entity.pdbx_description
1 polymer 'NAD-dependent protein deacetylase sirtuin-2'
2 polymer 'TNFa-derived ornithine triazole dodecyl inhibitor'
3 non-polymer 'ZINC ION'
4 non-polymer '[[(2~{R},3~{S},4~{R},5~{R})-5-(6-aminopurin-9-yl)-3,4-bis(oxidanyl)oxolan-2-yl]methoxy-oxidanyl-phosphoryl] [(2~{R},3~{S},4~{R},5~{S})-5-(5-dodecyl-3-ethyl-1,2,3$l^{4}-triazacyclopenta-2,4-dien-1-yl)-3,4-bis(oxidanyl)oxolan-2-yl]methyl hydrogen phosphate'
5 water water
#
loop_
_entity_poly.entity_id
_entity_poly.type
_entity_poly.pdbx_seq_one_letter_code
_entity_poly.pdbx_strand_id
1 'polypeptide(L)'
;GHMERLLDELTLEGVARYMQSERCRRVICLVGAGISTSAGIPDFRSPSTGLYDNLEKYHLPYPEAIFEISYFKKHPEPFF
ALAKELYPGQFKPTICHYFMRLLKDKGLLLRCYTQNIDTLERIAGLEQEDLVEAHGTFYTSHCVSASCRHEYPLSWMKEK
IFSEVTPKCEDCQSLVKPDIVFFGESLPARFFSCMQSDFLKVDLLLVMGTSLQVQPFASLISKAPLSTPRLLINKEKAGQ
SDPFLGMIMGLGGGMDFDSKKAYRDVAWLGECDQGCLALAELLGWKKELEDLVRREHASIDAQS
;
A
2 'polypeptide(L)' EALPKATGG C
#
# COMPACT_ATOMS: atom_id res chain seq x y z
N ARG A 5 -17.74 11.39 -21.65
CA ARG A 5 -16.89 10.44 -20.95
C ARG A 5 -15.51 10.34 -21.60
N LEU A 6 -14.49 10.11 -20.77
CA LEU A 6 -13.12 9.98 -21.28
C LEU A 6 -12.76 8.57 -21.68
N LEU A 7 -13.44 7.55 -21.16
CA LEU A 7 -13.23 6.18 -21.59
C LEU A 7 -14.21 5.85 -22.72
N ASP A 8 -13.70 5.20 -23.76
CA ASP A 8 -14.58 4.78 -24.85
C ASP A 8 -15.37 3.53 -24.51
N GLU A 9 -14.90 2.73 -23.56
CA GLU A 9 -15.68 1.60 -23.05
C GLU A 9 -15.15 1.24 -21.67
N LEU A 10 -16.05 0.69 -20.85
CA LEU A 10 -15.74 0.39 -19.45
C LEU A 10 -15.05 -0.96 -19.31
N THR A 11 -13.89 -1.08 -19.95
CA THR A 11 -13.10 -2.31 -19.91
C THR A 11 -11.64 -1.97 -19.67
N LEU A 12 -10.86 -3.00 -19.35
CA LEU A 12 -9.42 -2.84 -19.21
C LEU A 12 -8.81 -2.32 -20.51
N GLU A 13 -9.30 -2.80 -21.65
CA GLU A 13 -8.78 -2.36 -22.95
C GLU A 13 -9.11 -0.89 -23.18
N GLY A 14 -10.29 -0.44 -22.76
CA GLY A 14 -10.62 0.96 -22.88
C GLY A 14 -9.73 1.84 -22.02
N VAL A 15 -9.43 1.39 -20.79
CA VAL A 15 -8.51 2.12 -19.94
C VAL A 15 -7.13 2.19 -20.59
N ALA A 16 -6.69 1.08 -21.20
CA ALA A 16 -5.39 1.09 -21.87
C ALA A 16 -5.36 2.12 -23.00
N ARG A 17 -6.39 2.12 -23.83
CA ARG A 17 -6.45 3.08 -24.93
C ARG A 17 -6.46 4.52 -24.41
N TYR A 18 -7.17 4.76 -23.30
CA TYR A 18 -7.15 6.08 -22.68
C TYR A 18 -5.75 6.44 -22.20
N MET A 19 -5.04 5.48 -21.58
CA MET A 19 -3.68 5.73 -21.11
C MET A 19 -2.72 5.99 -22.25
N GLN A 20 -3.02 5.51 -23.46
CA GLN A 20 -2.19 5.80 -24.61
C GLN A 20 -2.52 7.13 -25.26
N SER A 21 -3.64 7.74 -24.91
CA SER A 21 -3.97 9.06 -25.45
C SER A 21 -3.18 10.15 -24.74
N GLU A 22 -3.16 11.33 -25.35
CA GLU A 22 -2.44 12.46 -24.76
C GLU A 22 -3.19 13.08 -23.59
N ARG A 23 -4.47 12.77 -23.42
CA ARG A 23 -5.22 13.29 -22.28
C ARG A 23 -4.73 12.68 -20.97
N CYS A 24 -4.21 11.45 -21.01
CA CYS A 24 -3.81 10.74 -19.79
C CYS A 24 -2.30 10.93 -19.60
N ARG A 25 -1.94 11.93 -18.79
CA ARG A 25 -0.55 12.22 -18.50
C ARG A 25 -0.17 11.99 -17.04
N ARG A 26 -1.14 12.03 -16.13
CA ARG A 26 -0.86 11.95 -14.70
C ARG A 26 -1.71 10.83 -14.09
N VAL A 27 -1.04 9.80 -13.58
CA VAL A 27 -1.70 8.62 -13.03
C VAL A 27 -1.37 8.52 -11.55
N ILE A 28 -2.40 8.38 -10.71
CA ILE A 28 -2.20 8.14 -9.28
C ILE A 28 -2.60 6.71 -8.97
N CYS A 29 -1.73 5.98 -8.28
CA CYS A 29 -2.03 4.65 -7.78
C CYS A 29 -2.40 4.72 -6.30
N LEU A 30 -3.44 3.98 -5.94
CA LEU A 30 -3.84 3.79 -4.55
C LEU A 30 -3.82 2.29 -4.31
N VAL A 31 -2.92 1.83 -3.43
CA VAL A 31 -2.69 0.41 -3.26
C VAL A 31 -2.82 0.01 -1.80
N GLY A 32 -3.11 -1.27 -1.60
CA GLY A 32 -3.24 -1.85 -0.27
C GLY A 32 -2.58 -3.21 -0.18
N ALA A 33 -2.93 -3.99 0.84
CA ALA A 33 -2.22 -5.23 1.11
C ALA A 33 -2.36 -6.25 -0.02
N GLY A 34 -3.42 -6.15 -0.82
CA GLY A 34 -3.63 -7.11 -1.89
C GLY A 34 -2.51 -7.15 -2.91
N ILE A 35 -1.79 -6.03 -3.10
CA ILE A 35 -0.70 -6.03 -4.06
C ILE A 35 0.54 -6.71 -3.55
N SER A 36 0.55 -7.15 -2.29
CA SER A 36 1.71 -7.82 -1.71
C SER A 36 1.43 -9.25 -1.28
N THR A 37 0.19 -9.73 -1.35
CA THR A 37 -0.10 -11.09 -0.92
C THR A 37 0.66 -12.11 -1.75
N SER A 38 0.81 -11.86 -3.06
CA SER A 38 1.58 -12.79 -3.88
C SER A 38 3.06 -12.80 -3.52
N ALA A 39 3.52 -11.85 -2.72
CA ALA A 39 4.88 -11.84 -2.20
C ALA A 39 5.01 -12.56 -0.86
N GLY A 40 3.94 -13.19 -0.39
CA GLY A 40 3.96 -13.93 0.86
C GLY A 40 3.55 -13.15 2.09
N ILE A 41 3.16 -11.89 1.94
CA ILE A 41 2.74 -11.04 3.05
C ILE A 41 1.22 -11.03 3.09
N PRO A 42 0.58 -11.63 4.08
CA PRO A 42 -0.88 -11.76 4.06
C PRO A 42 -1.57 -10.41 4.20
N ASP A 43 -2.84 -10.39 3.84
CA ASP A 43 -3.66 -9.19 3.98
C ASP A 43 -4.43 -9.27 5.31
N PHE A 44 -5.48 -8.46 5.45
CA PHE A 44 -6.25 -8.41 6.68
C PHE A 44 -7.61 -9.07 6.57
N ARG A 45 -8.36 -8.79 5.49
CA ARG A 45 -9.77 -9.18 5.43
C ARG A 45 -10.02 -10.52 4.76
N SER A 46 -9.06 -11.09 4.04
CA SER A 46 -9.32 -12.30 3.30
C SER A 46 -9.65 -13.45 4.26
N PRO A 47 -10.66 -14.26 3.94
CA PRO A 47 -11.01 -15.38 4.83
C PRO A 47 -9.89 -16.39 4.91
N SER A 48 -9.76 -17.00 6.10
CA SER A 48 -8.79 -18.05 6.40
C SER A 48 -7.35 -17.52 6.38
N THR A 49 -6.93 -16.91 5.27
CA THR A 49 -5.56 -16.45 5.14
C THR A 49 -5.33 -15.07 5.75
N GLY A 50 -6.37 -14.25 5.90
CA GLY A 50 -6.18 -12.91 6.39
C GLY A 50 -5.78 -12.87 7.85
N LEU A 51 -5.11 -11.78 8.22
CA LEU A 51 -4.60 -11.64 9.58
C LEU A 51 -5.72 -11.63 10.61
N TYR A 52 -6.85 -11.00 10.29
CA TYR A 52 -7.96 -10.91 11.23
C TYR A 52 -8.62 -12.25 11.53
N ASP A 53 -8.29 -13.29 10.77
CA ASP A 53 -8.80 -14.63 11.05
C ASP A 53 -7.77 -15.53 11.71
N ASN A 54 -6.64 -14.97 12.16
CA ASN A 54 -5.54 -15.76 12.69
C ASN A 54 -4.94 -15.11 13.92
N LEU A 55 -5.79 -14.54 14.78
CA LEU A 55 -5.33 -13.85 15.98
C LEU A 55 -5.98 -14.38 17.24
N GLU A 56 -6.63 -15.55 17.17
CA GLU A 56 -7.25 -16.11 18.36
C GLU A 56 -6.21 -16.47 19.42
N LYS A 57 -5.01 -16.85 18.99
CA LYS A 57 -3.97 -17.24 19.94
C LYS A 57 -3.52 -16.07 20.81
N TYR A 58 -3.46 -14.86 20.24
CA TYR A 58 -2.97 -13.71 20.98
C TYR A 58 -3.97 -13.19 22.00
N HIS A 59 -5.20 -13.70 21.99
CA HIS A 59 -6.23 -13.39 22.99
C HIS A 59 -6.42 -11.89 23.13
N LEU A 60 -6.88 -11.28 22.06
CA LEU A 60 -7.08 -9.84 21.99
C LEU A 60 -8.55 -9.50 22.22
N PRO A 61 -8.82 -8.34 22.83
CA PRO A 61 -10.22 -7.91 22.98
C PRO A 61 -10.96 -7.84 21.66
N TYR A 62 -10.29 -7.38 20.61
CA TYR A 62 -10.81 -7.35 19.26
C TYR A 62 -9.64 -7.46 18.30
N PRO A 63 -9.83 -8.05 17.11
CA PRO A 63 -8.68 -8.32 16.23
C PRO A 63 -7.83 -7.09 15.91
N GLU A 64 -8.44 -5.91 15.81
CA GLU A 64 -7.70 -4.70 15.46
C GLU A 64 -6.88 -4.15 16.62
N ALA A 65 -7.08 -4.65 17.84
CA ALA A 65 -6.35 -4.13 18.99
C ALA A 65 -4.85 -4.35 18.85
N ILE A 66 -4.44 -5.46 18.23
CA ILE A 66 -3.03 -5.71 17.95
C ILE A 66 -2.41 -4.63 17.07
N PHE A 67 -3.24 -3.81 16.42
CA PHE A 67 -2.77 -2.73 15.56
C PHE A 67 -3.25 -1.36 16.04
N GLU A 68 -3.80 -1.26 17.26
CA GLU A 68 -4.23 0.01 17.84
C GLU A 68 -3.16 0.52 18.80
N ILE A 69 -2.93 1.83 18.76
CA ILE A 69 -1.75 2.40 19.41
C ILE A 69 -1.87 2.34 20.94
N SER A 70 -3.07 2.58 21.47
CA SER A 70 -3.23 2.56 22.92
C SER A 70 -3.00 1.15 23.47
N TYR A 71 -3.53 0.15 22.78
CA TYR A 71 -3.28 -1.24 23.17
C TYR A 71 -1.80 -1.56 23.09
N PHE A 72 -1.15 -1.15 22.00
CA PHE A 72 0.28 -1.40 21.84
C PHE A 72 1.07 -0.82 23.01
N LYS A 73 0.78 0.43 23.37
CA LYS A 73 1.51 1.05 24.47
C LYS A 73 1.19 0.39 25.80
N LYS A 74 0.01 -0.22 25.93
CA LYS A 74 -0.26 -1.01 27.12
C LYS A 74 0.35 -2.42 27.03
N HIS A 75 0.13 -3.10 25.91
CA HIS A 75 0.55 -4.49 25.75
C HIS A 75 1.19 -4.70 24.38
N PRO A 76 2.49 -4.40 24.26
CA PRO A 76 3.15 -4.52 22.94
C PRO A 76 3.52 -5.93 22.55
N GLU A 77 3.54 -6.87 23.49
CA GLU A 77 4.05 -8.22 23.19
C GLU A 77 3.28 -8.95 22.09
N PRO A 78 1.94 -8.89 22.01
CA PRO A 78 1.27 -9.57 20.88
C PRO A 78 1.72 -9.07 19.52
N PHE A 79 1.89 -7.76 19.37
CA PHE A 79 2.32 -7.21 18.08
C PHE A 79 3.68 -7.76 17.68
N PHE A 80 4.64 -7.78 18.60
CA PHE A 80 5.97 -8.22 18.24
C PHE A 80 6.04 -9.73 18.04
N ALA A 81 5.20 -10.49 18.75
CA ALA A 81 5.09 -11.91 18.46
C ALA A 81 4.56 -12.15 17.05
N LEU A 82 3.48 -11.44 16.68
CA LEU A 82 2.95 -11.55 15.32
C LEU A 82 4.01 -11.14 14.29
N ALA A 83 4.79 -10.10 14.60
CA ALA A 83 5.83 -9.66 13.69
C ALA A 83 6.89 -10.73 13.49
N LYS A 84 7.33 -11.38 14.57
CA LYS A 84 8.25 -12.49 14.43
C LYS A 84 7.66 -13.60 13.57
N GLU A 85 6.36 -13.86 13.74
CA GLU A 85 5.72 -14.92 12.96
C GLU A 85 5.62 -14.55 11.48
N LEU A 86 5.49 -13.26 11.15
CA LEU A 86 5.21 -12.83 9.80
C LEU A 86 6.41 -12.29 9.04
N TYR A 87 7.55 -12.08 9.69
CA TYR A 87 8.67 -11.41 9.04
C TYR A 87 9.12 -12.22 7.82
N PRO A 88 9.08 -11.64 6.61
CA PRO A 88 9.31 -12.44 5.40
C PRO A 88 10.76 -12.87 5.28
N GLY A 89 10.94 -14.08 4.73
CA GLY A 89 12.29 -14.54 4.43
C GLY A 89 12.96 -13.75 3.32
N GLN A 90 12.16 -13.16 2.42
CA GLN A 90 12.70 -12.38 1.32
C GLN A 90 11.71 -11.28 0.96
N PHE A 91 12.25 -10.12 0.62
CA PHE A 91 11.44 -8.96 0.21
C PHE A 91 11.57 -8.83 -1.30
N LYS A 92 10.66 -9.50 -2.02
CA LYS A 92 10.63 -9.41 -3.47
C LYS A 92 9.35 -8.71 -3.90
N PRO A 93 9.44 -7.57 -4.59
CA PRO A 93 8.23 -6.92 -5.08
C PRO A 93 7.52 -7.78 -6.12
N THR A 94 6.24 -7.48 -6.34
CA THR A 94 5.40 -8.24 -7.23
C THR A 94 5.33 -7.58 -8.60
N ILE A 95 4.71 -8.31 -9.54
CA ILE A 95 4.48 -7.79 -10.88
C ILE A 95 3.72 -6.47 -10.81
N CYS A 96 2.84 -6.32 -9.83
CA CYS A 96 2.09 -5.08 -9.66
C CYS A 96 3.01 -3.92 -9.25
N HIS A 97 3.91 -4.16 -8.30
CA HIS A 97 4.90 -3.14 -7.94
C HIS A 97 5.72 -2.72 -9.16
N TYR A 98 6.16 -3.69 -9.97
CA TYR A 98 6.98 -3.37 -11.13
C TYR A 98 6.17 -2.71 -12.24
N PHE A 99 4.85 -2.95 -12.29
CA PHE A 99 4.02 -2.18 -13.20
C PHE A 99 4.01 -0.71 -12.79
N MET A 100 3.91 -0.44 -11.49
CA MET A 100 4.02 0.95 -11.03
C MET A 100 5.39 1.52 -11.34
N ARG A 101 6.44 0.70 -11.22
CA ARG A 101 7.78 1.13 -11.60
C ARG A 101 7.85 1.48 -13.09
N LEU A 102 7.16 0.72 -13.94
CA LEU A 102 7.09 1.06 -15.35
C LEU A 102 6.37 2.38 -15.57
N LEU A 103 5.31 2.62 -14.80
CA LEU A 103 4.63 3.92 -14.86
C LEU A 103 5.61 5.05 -14.52
N LYS A 104 6.45 4.84 -13.50
CA LYS A 104 7.46 5.83 -13.17
C LYS A 104 8.45 6.03 -14.32
N ASP A 105 8.96 4.92 -14.87
CA ASP A 105 9.97 4.99 -15.92
C ASP A 105 9.47 5.70 -17.16
N LYS A 106 8.16 5.67 -17.40
CA LYS A 106 7.57 6.29 -18.57
C LYS A 106 7.00 7.67 -18.29
N GLY A 107 7.20 8.18 -17.07
CA GLY A 107 6.76 9.53 -16.74
C GLY A 107 5.28 9.68 -16.54
N LEU A 108 4.55 8.57 -16.38
CA LEU A 108 3.11 8.62 -16.18
C LEU A 108 2.70 8.66 -14.72
N LEU A 109 3.59 8.25 -13.80
CA LEU A 109 3.23 8.15 -12.39
C LEU A 109 3.34 9.52 -11.74
N LEU A 110 2.20 10.10 -11.36
CA LEU A 110 2.21 11.29 -10.50
C LEU A 110 2.54 10.90 -9.08
N ARG A 111 1.90 9.86 -8.55
CA ARG A 111 2.12 9.46 -7.17
C ARG A 111 1.56 8.07 -6.95
N CYS A 112 2.23 7.33 -6.07
CA CYS A 112 1.70 6.10 -5.50
C CYS A 112 1.40 6.36 -4.03
N TYR A 113 0.12 6.35 -3.68
CA TYR A 113 -0.31 6.37 -2.28
C TYR A 113 -0.47 4.93 -1.83
N THR A 114 0.36 4.49 -0.88
CA THR A 114 0.31 3.11 -0.43
C THR A 114 -0.12 3.04 1.03
N GLN A 115 -0.91 2.02 1.35
CA GLN A 115 -1.22 1.71 2.73
C GLN A 115 -0.29 0.68 3.32
N ASN A 116 0.61 0.13 2.50
CA ASN A 116 1.49 -0.94 2.94
C ASN A 116 2.71 -0.38 3.63
N ILE A 117 3.29 -1.19 4.51
CA ILE A 117 4.47 -0.81 5.27
C ILE A 117 5.66 -1.69 4.96
N ASP A 118 5.59 -2.48 3.87
CA ASP A 118 6.60 -3.49 3.58
C ASP A 118 7.78 -2.98 2.77
N THR A 119 7.76 -1.71 2.34
CA THR A 119 8.82 -1.06 1.56
C THR A 119 8.97 -1.64 0.17
N LEU A 120 8.07 -2.54 -0.27
CA LEU A 120 8.24 -3.15 -1.58
C LEU A 120 8.15 -2.12 -2.70
N GLU A 121 7.42 -1.03 -2.48
CA GLU A 121 7.43 0.06 -3.46
C GLU A 121 8.83 0.63 -3.64
N ARG A 122 9.53 0.87 -2.53
CA ARG A 122 10.90 1.36 -2.62
C ARG A 122 11.81 0.35 -3.30
N ILE A 123 11.69 -0.92 -2.91
CA ILE A 123 12.55 -1.96 -3.46
C ILE A 123 12.34 -2.10 -4.97
N ALA A 124 11.10 -1.92 -5.43
CA ALA A 124 10.83 -1.95 -6.85
C ALA A 124 11.42 -0.76 -7.60
N GLY A 125 11.88 0.27 -6.89
CA GLY A 125 12.54 1.40 -7.50
C GLY A 125 11.76 2.68 -7.53
N LEU A 126 10.61 2.74 -6.85
CA LEU A 126 9.92 4.02 -6.66
C LEU A 126 10.66 4.84 -5.61
N GLU A 127 10.96 6.09 -5.94
CA GLU A 127 11.73 6.96 -5.06
C GLU A 127 10.80 7.69 -4.08
N GLN A 128 11.43 8.37 -3.10
CA GLN A 128 10.66 9.01 -2.04
C GLN A 128 9.66 10.02 -2.59
N GLU A 129 10.07 10.79 -3.60
CA GLU A 129 9.20 11.78 -4.21
C GLU A 129 7.96 11.14 -4.85
N ASP A 130 8.10 9.90 -5.34
CA ASP A 130 6.99 9.21 -6.00
C ASP A 130 5.95 8.68 -5.02
N LEU A 131 6.29 8.59 -3.74
CA LEU A 131 5.54 7.80 -2.78
C LEU A 131 4.88 8.68 -1.73
N VAL A 132 3.65 8.35 -1.40
CA VAL A 132 3.03 8.74 -0.15
C VAL A 132 2.82 7.44 0.63
N GLU A 133 3.72 7.15 1.56
CA GLU A 133 3.58 6.00 2.44
C GLU A 133 2.61 6.43 3.54
N ALA A 134 1.32 6.34 3.22
CA ALA A 134 0.28 6.96 4.04
C ALA A 134 0.27 6.39 5.45
N HIS A 135 0.71 5.16 5.63
CA HIS A 135 0.66 4.53 6.95
C HIS A 135 2.05 4.13 7.44
N GLY A 136 3.07 4.87 6.98
CA GLY A 136 4.41 4.68 7.52
C GLY A 136 5.14 3.52 6.88
N THR A 137 6.06 2.95 7.65
CA THR A 137 6.93 1.90 7.15
C THR A 137 7.46 1.09 8.33
N PHE A 138 7.78 -0.18 8.05
CA PHE A 138 8.48 -1.03 9.00
C PHE A 138 9.98 -0.80 8.99
N TYR A 139 10.51 -0.08 8.00
CA TYR A 139 11.95 -0.02 7.77
C TYR A 139 12.67 0.72 8.90
N THR A 140 12.09 1.80 9.40
CA THR A 140 12.65 2.54 10.52
C THR A 140 11.76 2.39 11.74
N SER A 141 12.35 2.54 12.93
CA SER A 141 11.59 2.50 14.17
C SER A 141 12.03 3.64 15.07
N HIS A 142 11.18 3.99 16.02
CA HIS A 142 11.46 5.12 16.89
C HIS A 142 11.00 4.83 18.31
N CYS A 143 11.78 5.31 19.27
CA CYS A 143 11.31 5.40 20.65
C CYS A 143 10.00 6.18 20.69
N VAL A 144 9.06 5.69 21.50
CA VAL A 144 7.73 6.31 21.53
C VAL A 144 7.68 7.59 22.34
N SER A 145 8.73 7.92 23.08
CA SER A 145 8.76 9.17 23.82
C SER A 145 8.95 10.33 22.84
N ALA A 146 8.02 11.29 22.88
CA ALA A 146 8.04 12.40 21.94
C ALA A 146 9.23 13.34 22.17
N SER A 147 9.77 13.37 23.39
CA SER A 147 10.93 14.18 23.70
CA SER A 147 10.93 14.18 23.70
C SER A 147 12.25 13.41 23.56
N CYS A 148 12.22 12.23 22.96
CA CYS A 148 13.41 11.42 22.78
C CYS A 148 13.58 11.04 21.32
N ARG A 149 12.63 10.25 20.80
CA ARG A 149 12.57 9.92 19.37
C ARG A 149 13.86 9.31 18.86
N HIS A 150 14.54 8.55 19.70
CA HIS A 150 15.73 7.82 19.26
C HIS A 150 15.35 6.86 18.15
N GLU A 151 16.07 6.93 17.03
CA GLU A 151 15.74 6.11 15.87
C GLU A 151 16.54 4.83 15.88
N TYR A 152 15.89 3.72 15.54
CA TYR A 152 16.54 2.42 15.46
C TYR A 152 16.28 1.78 14.11
N PRO A 153 17.27 1.08 13.56
CA PRO A 153 17.14 0.52 12.22
C PRO A 153 16.41 -0.82 12.23
N LEU A 154 16.14 -1.32 11.03
CA LEU A 154 15.44 -2.60 10.90
C LEU A 154 16.27 -3.75 11.44
N SER A 155 17.60 -3.61 11.45
CA SER A 155 18.43 -4.67 11.99
C SER A 155 18.24 -4.79 13.51
N TRP A 156 18.31 -3.66 14.21
CA TRP A 156 18.07 -3.65 15.65
C TRP A 156 16.68 -4.17 15.99
N MET A 157 15.67 -3.69 15.26
CA MET A 157 14.30 -4.12 15.50
C MET A 157 14.13 -5.61 15.23
N LYS A 158 14.70 -6.12 14.13
CA LYS A 158 14.55 -7.53 13.80
C LYS A 158 15.26 -8.42 14.81
N GLU A 159 16.44 -7.99 15.27
CA GLU A 159 17.13 -8.75 16.31
C GLU A 159 16.29 -8.81 17.57
N LYS A 160 15.74 -7.67 18.01
CA LYS A 160 14.90 -7.68 19.20
C LYS A 160 13.65 -8.54 19.00
N ILE A 161 13.12 -8.57 17.77
CA ILE A 161 11.90 -9.32 17.51
C ILE A 161 12.16 -10.82 17.56
N PHE A 162 13.27 -11.27 16.96
CA PHE A 162 13.55 -12.70 16.92
C PHE A 162 14.13 -13.22 18.24
N SER A 163 14.88 -12.39 18.96
CA SER A 163 15.30 -12.75 20.31
C SER A 163 14.16 -12.62 21.32
N GLU A 164 12.97 -12.23 20.87
CA GLU A 164 11.77 -12.14 21.70
C GLU A 164 12.01 -11.26 22.94
N VAL A 165 12.82 -10.22 22.75
CA VAL A 165 12.98 -9.15 23.72
C VAL A 165 12.19 -7.96 23.22
N THR A 166 11.28 -7.45 24.05
CA THR A 166 10.49 -6.30 23.65
C THR A 166 11.41 -5.10 23.43
N PRO A 167 11.33 -4.43 22.29
CA PRO A 167 12.29 -3.36 21.98
C PRO A 167 12.11 -2.18 22.94
N LYS A 168 13.21 -1.80 23.59
CA LYS A 168 13.22 -0.70 24.54
C LYS A 168 14.33 0.29 24.18
N CYS A 169 14.04 1.57 24.37
CA CYS A 169 15.00 2.62 24.03
C CYS A 169 16.17 2.63 25.00
N GLU A 170 17.38 2.71 24.46
CA GLU A 170 18.58 2.66 25.29
C GLU A 170 18.82 3.93 26.08
N ASP A 171 18.09 5.01 25.80
CA ASP A 171 18.28 6.29 26.47
C ASP A 171 17.25 6.57 27.56
N CYS A 172 15.97 6.24 27.34
CA CYS A 172 14.95 6.52 28.33
C CYS A 172 14.10 5.29 28.71
N GLN A 173 14.43 4.11 28.18
CA GLN A 173 13.79 2.84 28.52
C GLN A 173 12.34 2.75 28.05
N SER A 174 11.90 3.63 27.17
CA SER A 174 10.55 3.56 26.63
C SER A 174 10.46 2.52 25.52
N LEU A 175 9.22 2.21 25.14
CA LEU A 175 8.97 1.29 24.05
C LEU A 175 9.49 1.84 22.74
N VAL A 176 10.03 0.97 21.89
CA VAL A 176 10.45 1.32 20.55
C VAL A 176 9.48 0.68 19.57
N LYS A 177 8.85 1.51 18.73
CA LYS A 177 7.79 1.08 17.84
C LYS A 177 8.22 1.26 16.39
N PRO A 178 7.92 0.30 15.51
CA PRO A 178 8.14 0.52 14.09
C PRO A 178 7.34 1.71 13.60
N ASP A 179 7.88 2.40 12.60
CA ASP A 179 7.27 3.65 12.14
C ASP A 179 5.99 3.40 11.35
N ILE A 180 5.17 2.46 11.81
CA ILE A 180 3.87 2.17 11.25
C ILE A 180 2.86 3.12 11.87
N VAL A 181 1.97 3.68 11.04
CA VAL A 181 0.84 4.44 11.56
C VAL A 181 -0.19 3.44 12.06
N PHE A 182 -0.13 3.13 13.36
CA PHE A 182 -1.14 2.29 13.97
C PHE A 182 -2.51 2.97 13.89
N PHE A 183 -3.56 2.16 14.04
CA PHE A 183 -4.89 2.72 14.23
C PHE A 183 -4.87 3.67 15.43
N GLY A 184 -5.50 4.82 15.27
CA GLY A 184 -5.47 5.84 16.30
C GLY A 184 -4.32 6.81 16.21
N GLU A 185 -3.34 6.57 15.34
CA GLU A 185 -2.26 7.51 15.08
C GLU A 185 -2.58 8.35 13.84
N SER A 186 -2.09 9.58 13.85
CA SER A 186 -2.34 10.48 12.72
C SER A 186 -1.45 10.12 11.54
N LEU A 187 -1.98 10.33 10.33
CA LEU A 187 -1.22 10.13 9.11
C LEU A 187 -0.15 11.23 8.97
N PRO A 188 0.91 10.96 8.21
CA PRO A 188 1.97 11.97 8.07
C PRO A 188 1.50 13.20 7.31
N ALA A 189 2.14 14.33 7.61
CA ALA A 189 1.75 15.58 6.97
C ALA A 189 1.93 15.52 5.45
N ARG A 190 2.87 14.71 4.97
CA ARG A 190 3.11 14.62 3.53
C ARG A 190 1.87 14.15 2.79
N PHE A 191 1.10 13.24 3.40
CA PHE A 191 -0.17 12.79 2.83
C PHE A 191 -1.06 13.98 2.48
N PHE A 192 -1.28 14.86 3.45
CA PHE A 192 -2.17 16.00 3.26
C PHE A 192 -1.56 17.10 2.42
N SER A 193 -0.22 17.17 2.34
CA SER A 193 0.40 18.10 1.40
C SER A 193 0.23 17.62 -0.03
N CYS A 194 0.55 16.37 -0.30
CA CYS A 194 0.48 15.83 -1.65
C CYS A 194 -0.95 15.84 -2.18
N MET A 195 -1.92 15.39 -1.38
CA MET A 195 -3.28 15.24 -1.87
C MET A 195 -3.82 16.54 -2.48
N GLN A 196 -3.47 17.69 -1.87
CA GLN A 196 -4.00 18.98 -2.28
C GLN A 196 -3.75 19.25 -3.75
N SER A 197 -2.50 19.07 -4.20
CA SER A 197 -2.20 19.29 -5.60
C SER A 197 -2.46 18.06 -6.45
N ASP A 198 -2.19 16.86 -5.92
CA ASP A 198 -2.26 15.64 -6.72
C ASP A 198 -3.66 15.42 -7.26
N PHE A 199 -4.68 15.63 -6.45
CA PHE A 199 -5.99 15.21 -6.92
C PHE A 199 -6.70 16.29 -7.73
N LEU A 200 -6.06 17.43 -7.96
CA LEU A 200 -6.60 18.41 -8.91
C LEU A 200 -6.15 18.13 -10.32
N LYS A 201 -5.01 17.45 -10.49
CA LYS A 201 -4.40 17.25 -11.80
C LYS A 201 -4.37 15.79 -12.23
N VAL A 202 -5.01 14.90 -11.48
CA VAL A 202 -4.92 13.46 -11.79
C VAL A 202 -5.76 13.15 -13.01
N ASP A 203 -5.21 12.36 -13.93
CA ASP A 203 -5.93 11.93 -15.13
C ASP A 203 -6.49 10.52 -15.02
N LEU A 204 -5.92 9.69 -14.16
CA LEU A 204 -6.40 8.32 -14.00
C LEU A 204 -6.09 7.88 -12.57
N LEU A 205 -7.10 7.29 -11.91
CA LEU A 205 -6.88 6.62 -10.64
C LEU A 205 -6.80 5.12 -10.88
N LEU A 206 -5.73 4.50 -10.39
CA LEU A 206 -5.54 3.05 -10.45
C LEU A 206 -5.51 2.53 -9.03
N VAL A 207 -6.58 1.84 -8.64
CA VAL A 207 -6.78 1.34 -7.29
C VAL A 207 -6.54 -0.17 -7.34
N MET A 208 -5.62 -0.65 -6.50
CA MET A 208 -5.18 -2.04 -6.60
C MET A 208 -4.99 -2.65 -5.22
N GLY A 209 -5.62 -3.80 -5.01
CA GLY A 209 -5.35 -4.59 -3.82
C GLY A 209 -5.75 -3.95 -2.51
N THR A 210 -6.91 -3.29 -2.48
CA THR A 210 -7.39 -2.71 -1.23
C THR A 210 -8.91 -2.81 -1.14
N SER A 211 -9.41 -3.02 0.08
CA SER A 211 -10.83 -3.07 0.34
C SER A 211 -11.45 -1.69 0.55
N LEU A 212 -10.63 -0.64 0.63
CA LEU A 212 -11.10 0.75 0.75
C LEU A 212 -12.05 0.91 1.94
N GLN A 213 -11.63 0.42 3.10
CA GLN A 213 -12.43 0.52 4.31
C GLN A 213 -11.81 1.35 5.41
N VAL A 214 -10.51 1.61 5.34
CA VAL A 214 -9.81 2.39 6.35
C VAL A 214 -9.71 3.83 5.88
N GLN A 215 -10.13 4.76 6.74
CA GLN A 215 -10.14 6.20 6.51
C GLN A 215 -8.93 6.85 7.18
N PRO A 216 -8.46 8.00 6.68
CA PRO A 216 -8.98 8.76 5.53
C PRO A 216 -8.54 8.25 4.16
N PHE A 217 -7.75 7.17 4.09
CA PHE A 217 -7.19 6.75 2.80
C PHE A 217 -8.27 6.49 1.75
N ALA A 218 -9.33 5.76 2.13
CA ALA A 218 -10.36 5.38 1.16
C ALA A 218 -11.01 6.60 0.52
N SER A 219 -11.24 7.65 1.31
CA SER A 219 -11.85 8.87 0.79
C SER A 219 -11.08 9.45 -0.40
N LEU A 220 -9.81 9.07 -0.57
CA LEU A 220 -9.04 9.59 -1.69
C LEU A 220 -9.71 9.32 -3.02
N ILE A 221 -10.51 8.25 -3.14
CA ILE A 221 -11.08 7.97 -4.45
C ILE A 221 -12.07 9.06 -4.87
N SER A 222 -12.61 9.83 -3.93
CA SER A 222 -13.58 10.87 -4.25
C SER A 222 -12.94 12.24 -4.41
N LYS A 223 -11.62 12.35 -4.21
CA LYS A 223 -10.94 13.63 -4.39
C LYS A 223 -10.64 13.94 -5.86
N ALA A 224 -10.70 12.95 -6.74
CA ALA A 224 -10.38 13.17 -8.13
C ALA A 224 -11.51 13.94 -8.81
N PRO A 225 -11.21 14.64 -9.90
CA PRO A 225 -12.29 15.25 -10.69
C PRO A 225 -13.26 14.19 -11.17
N LEU A 226 -14.52 14.61 -11.33
CA LEU A 226 -15.58 13.68 -11.70
C LEU A 226 -15.38 13.05 -13.07
N SER A 227 -14.56 13.66 -13.92
CA SER A 227 -14.28 13.10 -15.24
C SER A 227 -13.14 12.09 -15.22
N THR A 228 -12.35 12.05 -14.16
CA THR A 228 -11.17 11.18 -14.09
C THR A 228 -11.57 9.72 -14.02
N PRO A 229 -11.20 8.88 -14.99
CA PRO A 229 -11.52 7.46 -14.89
C PRO A 229 -10.81 6.80 -13.72
N ARG A 230 -11.44 5.75 -13.20
CA ARG A 230 -10.94 5.02 -12.05
C ARG A 230 -11.02 3.53 -12.35
N LEU A 231 -9.88 2.85 -12.29
CA LEU A 231 -9.78 1.43 -12.57
C LEU A 231 -9.44 0.70 -11.28
N LEU A 232 -10.28 -0.26 -10.90
CA LEU A 232 -10.00 -1.13 -9.77
C LEU A 232 -9.50 -2.47 -10.28
N ILE A 233 -8.34 -2.89 -9.77
CA ILE A 233 -7.81 -4.24 -9.99
C ILE A 233 -7.75 -4.90 -8.62
N ASN A 234 -8.66 -5.82 -8.37
CA ASN A 234 -8.86 -6.36 -7.03
C ASN A 234 -9.68 -7.63 -7.13
N LYS A 235 -9.47 -8.55 -6.18
CA LYS A 235 -10.20 -9.81 -6.20
C LYS A 235 -11.70 -9.58 -6.07
N GLU A 236 -12.11 -8.49 -5.44
CA GLU A 236 -13.51 -8.21 -5.17
C GLU A 236 -13.77 -6.73 -5.44
N LYS A 237 -15.03 -6.39 -5.67
CA LYS A 237 -15.39 -4.99 -5.81
C LYS A 237 -15.19 -4.25 -4.49
N ALA A 238 -14.85 -2.97 -4.59
CA ALA A 238 -14.59 -2.15 -3.42
C ALA A 238 -14.86 -0.70 -3.75
N GLY A 239 -15.14 0.09 -2.71
CA GLY A 239 -15.32 1.51 -2.88
C GLY A 239 -16.68 1.93 -3.39
N GLN A 240 -17.66 1.03 -3.44
CA GLN A 240 -19.00 1.38 -3.85
C GLN A 240 -19.79 1.95 -2.68
N SER A 241 -20.61 2.96 -2.95
CA SER A 241 -21.40 3.58 -1.90
C SER A 241 -22.55 2.69 -1.43
N GLY A 253 -19.10 10.33 -3.46
CA GLY A 253 -18.72 10.01 -4.82
C GLY A 253 -18.01 8.68 -4.95
N GLY A 254 -18.73 7.60 -4.61
CA GLY A 254 -18.16 6.27 -4.62
C GLY A 254 -18.03 5.67 -6.00
N MET A 255 -17.55 4.43 -6.02
CA MET A 255 -17.38 3.70 -7.28
C MET A 255 -18.73 3.29 -7.83
N ASP A 256 -18.93 3.55 -9.13
CA ASP A 256 -20.15 3.17 -9.85
C ASP A 256 -19.72 2.33 -11.05
N PHE A 257 -19.70 1.00 -10.86
CA PHE A 257 -19.31 0.09 -11.93
C PHE A 257 -20.49 -0.35 -12.78
N ASP A 258 -21.65 -0.59 -12.17
CA ASP A 258 -22.72 -1.37 -12.79
C ASP A 258 -23.99 -0.59 -13.08
N SER A 259 -24.15 0.63 -12.58
CA SER A 259 -25.42 1.31 -12.73
C SER A 259 -25.61 1.80 -14.17
N LYS A 260 -26.83 2.25 -14.45
CA LYS A 260 -27.13 2.85 -15.74
C LYS A 260 -26.36 4.14 -15.96
N LYS A 261 -25.94 4.81 -14.89
CA LYS A 261 -25.18 6.05 -14.96
C LYS A 261 -23.67 5.82 -14.99
N ALA A 262 -23.21 4.57 -14.96
CA ALA A 262 -21.78 4.29 -14.97
C ALA A 262 -21.13 4.89 -16.22
N TYR A 263 -19.99 5.55 -16.03
CA TYR A 263 -19.37 6.25 -17.14
C TYR A 263 -17.86 6.27 -17.07
N ARG A 264 -17.28 5.90 -15.92
CA ARG A 264 -15.84 6.11 -15.74
C ARG A 264 -15.16 5.08 -14.87
N ASP A 265 -15.91 4.25 -14.15
CA ASP A 265 -15.34 3.30 -13.21
C ASP A 265 -15.31 1.90 -13.84
N VAL A 266 -14.13 1.28 -13.82
CA VAL A 266 -13.92 -0.05 -14.37
C VAL A 266 -13.35 -0.95 -13.27
N ALA A 267 -13.94 -2.13 -13.14
CA ALA A 267 -13.48 -3.12 -12.17
C ALA A 267 -12.98 -4.34 -12.90
N TRP A 268 -11.69 -4.64 -12.74
CA TRP A 268 -11.13 -5.89 -13.22
C TRP A 268 -10.95 -6.81 -12.01
N LEU A 269 -11.82 -7.80 -11.90
CA LEU A 269 -11.85 -8.69 -10.74
C LEU A 269 -10.91 -9.87 -10.97
N GLY A 270 -9.94 -10.02 -10.08
CA GLY A 270 -8.96 -11.10 -10.20
C GLY A 270 -7.70 -10.73 -9.44
N GLU A 271 -6.64 -11.46 -9.73
CA GLU A 271 -5.34 -11.21 -9.11
C GLU A 271 -4.73 -9.92 -9.64
N CYS A 272 -4.14 -9.13 -8.73
CA CYS A 272 -3.48 -7.89 -9.14
C CYS A 272 -2.39 -8.16 -10.16
N ASP A 273 -1.59 -9.21 -9.94
CA ASP A 273 -0.51 -9.53 -10.87
C ASP A 273 -1.06 -9.85 -12.26
N GLN A 274 -2.14 -10.62 -12.33
CA GLN A 274 -2.74 -10.96 -13.61
C GLN A 274 -3.30 -9.74 -14.31
N GLY A 275 -4.01 -8.88 -13.58
CA GLY A 275 -4.56 -7.68 -14.18
C GLY A 275 -3.49 -6.71 -14.66
N CYS A 276 -2.38 -6.60 -13.92
CA CYS A 276 -1.30 -5.75 -14.39
C CYS A 276 -0.59 -6.35 -15.60
N LEU A 277 -0.45 -7.68 -15.64
CA LEU A 277 0.06 -8.31 -16.86
C LEU A 277 -0.83 -8.00 -18.05
N ALA A 278 -2.15 -8.11 -17.86
CA ALA A 278 -3.08 -7.90 -18.97
C ALA A 278 -3.07 -6.44 -19.42
N LEU A 279 -3.11 -5.50 -18.47
CA LEU A 279 -3.06 -4.09 -18.83
C LEU A 279 -1.74 -3.72 -19.51
N ALA A 280 -0.63 -4.20 -18.97
CA ALA A 280 0.67 -3.99 -19.62
C ALA A 280 0.68 -4.52 -21.04
N GLU A 281 0.11 -5.71 -21.26
CA GLU A 281 0.08 -6.26 -22.61
C GLU A 281 -0.77 -5.39 -23.53
N LEU A 282 -1.92 -4.92 -23.04
CA LEU A 282 -2.78 -4.07 -23.85
C LEU A 282 -2.11 -2.74 -24.18
N LEU A 283 -1.18 -2.28 -23.33
CA LEU A 283 -0.45 -1.05 -23.60
C LEU A 283 0.76 -1.24 -24.49
N GLY A 284 1.16 -2.48 -24.76
CA GLY A 284 2.39 -2.73 -25.47
C GLY A 284 3.61 -2.91 -24.60
N TRP A 285 3.41 -3.20 -23.31
CA TRP A 285 4.51 -3.26 -22.34
C TRP A 285 4.77 -4.66 -21.81
N LYS A 286 4.20 -5.71 -22.42
CA LYS A 286 4.32 -7.06 -21.88
C LYS A 286 5.78 -7.45 -21.67
N LYS A 287 6.60 -7.33 -22.72
CA LYS A 287 7.99 -7.72 -22.63
C LYS A 287 8.78 -6.81 -21.71
N GLU A 288 8.47 -5.51 -21.70
CA GLU A 288 9.12 -4.59 -20.75
C GLU A 288 8.90 -5.04 -19.32
N LEU A 289 7.64 -5.33 -18.96
CA LEU A 289 7.33 -5.75 -17.60
C LEU A 289 7.99 -7.08 -17.26
N GLU A 290 7.98 -8.02 -18.21
CA GLU A 290 8.64 -9.30 -17.98
C GLU A 290 10.12 -9.11 -17.71
N ASP A 291 10.80 -8.33 -18.56
CA ASP A 291 12.22 -8.09 -18.38
C ASP A 291 12.51 -7.39 -17.06
N LEU A 292 11.69 -6.39 -16.71
CA LEU A 292 11.88 -5.68 -15.46
C LEU A 292 11.80 -6.63 -14.28
N VAL A 293 10.74 -7.45 -14.24
CA VAL A 293 10.57 -8.40 -13.14
C VAL A 293 11.75 -9.37 -13.10
N ARG A 294 12.13 -9.94 -14.25
CA ARG A 294 13.22 -10.90 -14.28
CA ARG A 294 13.21 -10.90 -14.27
C ARG A 294 14.52 -10.29 -13.76
N ARG A 295 14.90 -9.14 -14.32
CA ARG A 295 16.16 -8.51 -13.94
C ARG A 295 16.18 -8.15 -12.46
N GLU A 296 15.10 -7.56 -11.95
CA GLU A 296 15.11 -7.10 -10.56
C GLU A 296 15.05 -8.27 -9.58
N HIS A 297 14.24 -9.29 -9.87
CA HIS A 297 14.23 -10.46 -9.02
C HIS A 297 15.59 -11.17 -9.06
N ALA A 298 16.28 -11.13 -10.20
CA ALA A 298 17.63 -11.68 -10.26
C ALA A 298 18.60 -10.86 -9.43
N SER A 299 18.50 -9.54 -9.48
CA SER A 299 19.38 -8.69 -8.67
CA SER A 299 19.38 -8.69 -8.67
C SER A 299 19.15 -8.94 -7.18
N ILE A 300 17.89 -9.15 -6.79
CA ILE A 300 17.59 -9.43 -5.39
C ILE A 300 18.13 -10.80 -4.98
N ASP A 301 17.90 -11.82 -5.82
CA ASP A 301 18.44 -13.15 -5.55
C ASP A 301 19.96 -13.15 -5.54
N ALA A 302 20.60 -12.20 -6.22
CA ALA A 302 22.05 -12.11 -6.22
C ALA A 302 22.55 -11.43 -4.94
N GLN A 303 21.92 -10.33 -4.56
CA GLN A 303 22.30 -9.63 -3.33
C GLN A 303 21.89 -10.38 -2.06
N SER A 304 21.36 -11.59 -2.18
CA SER A 304 20.87 -12.36 -1.04
C SER A 304 21.86 -12.46 0.11
N GLU B 1 -6.92 19.14 17.10
CA GLU B 1 -5.78 18.91 17.99
C GLU B 1 -4.70 18.10 17.29
N ALA B 2 -5.09 17.30 16.30
CA ALA B 2 -4.13 16.52 15.53
C ALA B 2 -4.67 16.33 14.11
N LEU B 3 -3.79 15.88 13.23
CA LEU B 3 -4.19 15.53 11.87
C LEU B 3 -5.05 14.27 11.90
N PRO B 4 -5.87 14.05 10.85
CA PRO B 4 -6.76 12.88 10.83
C PRO B 4 -6.03 11.57 11.06
N LYS B 5 -6.65 10.70 11.86
CA LYS B 5 -6.04 9.45 12.27
C LYS B 5 -6.51 8.26 11.45
N ALA B 6 -5.67 7.23 11.41
CA ALA B 6 -6.00 5.93 10.78
C ALA B 6 -7.17 5.28 11.55
N THR B 7 -8.31 5.09 10.91
CA THR B 7 -9.48 4.53 11.58
C THR B 7 -10.18 3.52 10.69
N GLY B 8 -10.64 2.42 11.28
CA GLY B 8 -11.36 1.40 10.54
C GLY B 8 -12.83 1.72 10.35
#